data_4X9K
#
_entry.id   4X9K
#
_cell.length_a   85.459
_cell.length_b   61.521
_cell.length_c   69.676
_cell.angle_alpha   90.000
_cell.angle_beta   90.000
_cell.angle_gamma   90.000
#
_symmetry.space_group_name_H-M   'P 21 21 2'
#
loop_
_entity.id
_entity.type
_entity.pdbx_description
1 polymer '3-oxoacyl-[acyl-carrier-protein] synthase 3 protein 2'
2 non-polymer 'SODIUM ION'
3 non-polymer GLYCEROL
4 non-polymer 'MALONATE ION'
5 water water
#
_entity_poly.entity_id   1
_entity_poly.type   'polypeptide(L)'
_entity_poly.pdbx_seq_one_letter_code
;MTQCYAEITGWGKCLPPATLSNHDLSTFLDTSDEWIQSRTGIEQRRISHVNTSDLATVAAQHAIACAGVSVEEIDLIIVA
TCSPDSLIPNIASRVQQNLGIPSAAAFDLNAAATGFLYGLETATRLMQASHYRHALVIGAERLSFYLDWTKRDTAVLFGD
GAGAVVLSKTEQKVGLQDAQIGCDAQGRDILAVPKFGTAMDRFDADNGYWAFDFVGKEIFKRAVRGMGAAAQQVLARSGL
STEEIDVVIPHQANIRIIQTLCDLAGIAQDKAFVNIHRYGNTSAATVPIALCEALEQGKIKPHDDLLVAAFGAGLTWGAG
HIRWGERITPLGKSDAQLPSCDHTALDLLSKAIEHCKRHQSE
;
_entity_poly.pdbx_strand_id   A
#
loop_
_chem_comp.id
_chem_comp.type
_chem_comp.name
_chem_comp.formula
GOL non-polymer GLYCEROL 'C3 H8 O3'
MLI non-polymer 'MALONATE ION' 'C3 H2 O4 -2'
NA non-polymer 'SODIUM ION' 'Na 1'
#
# COMPACT_ATOMS: atom_id res chain seq x y z
N GLN A 3 -21.10 4.13 21.15
CA GLN A 3 -20.37 4.28 19.87
C GLN A 3 -18.87 4.43 20.15
N CYS A 4 -18.10 3.56 19.50
N CYS A 4 -18.06 3.60 19.53
CA CYS A 4 -16.64 3.51 19.64
CA CYS A 4 -16.64 3.79 19.68
C CYS A 4 -16.01 3.84 18.30
C CYS A 4 -16.00 3.85 18.31
N TYR A 5 -14.70 4.12 18.34
CA TYR A 5 -13.93 4.50 17.16
C TYR A 5 -12.56 3.84 17.28
N ALA A 6 -11.84 3.82 16.15
CA ALA A 6 -10.52 3.20 16.09
C ALA A 6 -9.51 4.28 15.72
N GLU A 7 -8.90 4.91 16.72
CA GLU A 7 -7.93 5.97 16.47
C GLU A 7 -6.65 5.42 15.86
N ILE A 8 -6.05 6.11 14.92
CA ILE A 8 -4.73 5.72 14.39
C ILE A 8 -3.66 6.30 15.34
N THR A 9 -3.16 5.44 16.21
CA THR A 9 -2.26 5.81 17.30
C THR A 9 -0.81 5.50 16.96
N GLY A 10 -0.59 4.70 15.91
CA GLY A 10 0.75 4.42 15.45
C GLY A 10 0.86 4.32 13.95
N TRP A 11 2.01 4.71 13.42
CA TRP A 11 2.30 4.68 12.00
C TRP A 11 3.77 4.33 11.84
N GLY A 12 4.09 3.64 10.76
CA GLY A 12 5.44 3.18 10.49
C GLY A 12 5.61 2.69 9.08
N LYS A 13 6.88 2.58 8.67
CA LYS A 13 7.21 2.18 7.33
C LYS A 13 8.49 1.34 7.28
N CYS A 14 8.63 0.61 6.19
CA CYS A 14 9.86 -0.13 5.88
C CYS A 14 10.05 -0.11 4.37
N LEU A 15 11.08 0.61 3.94
CA LEU A 15 11.51 0.61 2.54
C LEU A 15 12.84 -0.11 2.52
N PRO A 16 12.92 -1.18 1.74
CA PRO A 16 14.19 -1.87 1.69
C PRO A 16 15.26 -0.99 1.02
N PRO A 17 16.52 -1.18 1.42
CA PRO A 17 17.58 -0.23 1.05
C PRO A 17 18.00 -0.26 -0.42
N ALA A 18 17.99 -1.44 -1.05
CA ALA A 18 18.53 -1.56 -2.42
C ALA A 18 17.69 -0.76 -3.38
N THR A 19 18.30 0.24 -4.00
CA THR A 19 17.59 1.16 -4.86
C THR A 19 17.92 0.92 -6.32
N LEU A 20 16.87 0.76 -7.11
CA LEU A 20 16.99 0.58 -8.55
C LEU A 20 16.63 1.88 -9.23
N SER A 21 17.64 2.54 -9.79
CA SER A 21 17.42 3.82 -10.44
C SER A 21 16.92 3.60 -11.84
N ASN A 22 16.44 4.66 -12.46
CA ASN A 22 16.10 4.59 -13.88
C ASN A 22 17.31 4.28 -14.75
N HIS A 23 18.47 4.83 -14.40
CA HIS A 23 19.68 4.50 -15.11
C HIS A 23 19.93 3.00 -15.04
N ASP A 24 19.76 2.40 -13.86
CA ASP A 24 19.93 0.96 -13.73
C ASP A 24 19.02 0.22 -14.72
N LEU A 25 17.75 0.62 -14.78
CA LEU A 25 16.81 -0.02 -15.72
C LEU A 25 17.27 0.11 -17.17
N SER A 26 17.83 1.27 -17.51
N SER A 26 17.83 1.27 -17.51
CA SER A 26 18.30 1.54 -18.87
CA SER A 26 18.31 1.53 -18.88
C SER A 26 19.49 0.67 -19.30
C SER A 26 19.41 0.57 -19.31
N THR A 27 20.15 0.01 -18.36
CA THR A 27 21.24 -0.91 -18.70
C THR A 27 20.77 -2.25 -19.23
N PHE A 28 19.50 -2.62 -18.99
CA PHE A 28 18.98 -3.89 -19.52
C PHE A 28 17.66 -3.78 -20.28
N LEU A 29 17.09 -2.57 -20.36
CA LEU A 29 15.85 -2.32 -21.12
C LEU A 29 16.07 -1.18 -22.08
N ASP A 30 15.26 -1.12 -23.14
CA ASP A 30 15.32 -0.03 -24.10
C ASP A 30 14.59 1.17 -23.52
N THR A 31 15.17 1.74 -22.46
CA THR A 31 14.61 2.90 -21.78
C THR A 31 15.72 3.90 -21.51
N SER A 32 15.32 5.06 -21.01
CA SER A 32 16.24 6.07 -20.52
C SER A 32 15.57 6.71 -19.30
N ASP A 33 16.38 7.35 -18.47
CA ASP A 33 15.85 8.07 -17.31
C ASP A 33 14.79 9.06 -17.78
N GLU A 34 15.08 9.72 -18.90
CA GLU A 34 14.16 10.66 -19.52
C GLU A 34 12.82 10.01 -19.92
N TRP A 35 12.91 8.85 -20.59
CA TRP A 35 11.70 8.13 -21.01
C TRP A 35 10.85 7.72 -19.79
N ILE A 36 11.50 7.18 -18.77
CA ILE A 36 10.76 6.69 -17.60
C ILE A 36 10.14 7.84 -16.80
N GLN A 37 10.93 8.89 -16.56
CA GLN A 37 10.46 9.99 -15.72
C GLN A 37 9.31 10.76 -16.39
N SER A 38 9.45 11.06 -17.68
CA SER A 38 8.40 11.81 -18.40
C SER A 38 7.10 11.03 -18.43
N ARG A 39 7.20 9.74 -18.74
CA ARG A 39 6.05 8.87 -18.79
C ARG A 39 5.40 8.59 -17.42
N THR A 40 6.22 8.42 -16.37
CA THR A 40 5.69 7.87 -15.09
C THR A 40 5.82 8.74 -13.85
N GLY A 41 6.73 9.70 -13.87
CA GLY A 41 7.06 10.48 -12.67
C GLY A 41 7.90 9.73 -11.65
N ILE A 42 8.39 8.54 -12.00
CA ILE A 42 9.18 7.73 -11.09
C ILE A 42 10.65 7.94 -11.40
N GLU A 43 11.45 8.15 -10.36
CA GLU A 43 12.90 8.27 -10.49
C GLU A 43 13.63 7.06 -9.90
N GLN A 44 13.05 6.48 -8.84
CA GLN A 44 13.66 5.39 -8.11
C GLN A 44 12.57 4.44 -7.65
N ARG A 45 12.97 3.23 -7.32
CA ARG A 45 12.12 2.31 -6.57
C ARG A 45 13.00 1.36 -5.80
N ARG A 46 12.44 0.71 -4.79
CA ARG A 46 13.20 -0.20 -3.94
C ARG A 46 12.94 -1.63 -4.32
N ILE A 47 14.00 -2.44 -4.22
CA ILE A 47 13.95 -3.87 -4.48
C ILE A 47 14.36 -4.62 -3.23
N SER A 48 13.45 -5.40 -2.68
CA SER A 48 13.69 -6.08 -1.43
C SER A 48 14.68 -7.23 -1.59
N HIS A 49 15.55 -7.37 -0.59
CA HIS A 49 16.46 -8.51 -0.47
C HIS A 49 15.90 -9.56 0.48
N VAL A 50 14.71 -9.28 1.03
CA VAL A 50 14.06 -10.16 2.00
C VAL A 50 12.62 -10.40 1.58
N ASN A 51 11.95 -11.32 2.26
CA ASN A 51 10.56 -11.62 1.93
C ASN A 51 9.61 -10.49 2.37
N THR A 52 8.44 -10.48 1.74
CA THR A 52 7.36 -9.57 2.10
C THR A 52 7.13 -9.50 3.59
N SER A 53 7.07 -10.64 4.26
CA SER A 53 6.76 -10.68 5.68
C SER A 53 7.80 -9.97 6.53
N ASP A 54 9.05 -9.93 6.04
CA ASP A 54 10.10 -9.22 6.77
C ASP A 54 9.92 -7.71 6.67
N LEU A 55 9.50 -7.24 5.50
CA LEU A 55 9.16 -5.82 5.33
C LEU A 55 7.97 -5.46 6.24
N ALA A 56 6.99 -6.34 6.29
CA ALA A 56 5.79 -6.12 7.12
C ALA A 56 6.15 -6.01 8.59
N THR A 57 7.08 -6.86 9.03
CA THR A 57 7.50 -6.93 10.43
C THR A 57 8.16 -5.62 10.86
N VAL A 58 9.10 -5.12 10.06
CA VAL A 58 9.77 -3.88 10.41
C VAL A 58 8.79 -2.69 10.43
N ALA A 59 7.91 -2.60 9.45
CA ALA A 59 6.93 -1.50 9.47
C ALA A 59 6.07 -1.58 10.73
N ALA A 60 5.67 -2.78 11.10
CA ALA A 60 4.88 -3.04 12.29
C ALA A 60 5.63 -2.60 13.55
N GLN A 61 6.93 -2.91 13.61
CA GLN A 61 7.72 -2.51 14.78
C GLN A 61 7.75 -1.00 14.95
N HIS A 62 7.92 -0.27 13.86
CA HIS A 62 7.85 1.18 13.89
C HIS A 62 6.48 1.71 14.36
N ALA A 63 5.40 1.14 13.83
CA ALA A 63 4.07 1.55 14.25
C ALA A 63 3.75 1.27 15.73
N ILE A 64 4.19 0.11 16.20
CA ILE A 64 4.05 -0.28 17.59
C ILE A 64 4.77 0.69 18.56
N ALA A 65 6.02 1.03 18.24
CA ALA A 65 6.78 1.99 19.05
C ALA A 65 6.12 3.35 18.99
N CYS A 66 5.61 3.70 17.80
CA CYS A 66 4.91 4.97 17.61
C CYS A 66 3.67 5.11 18.51
N ALA A 67 2.93 4.02 18.68
CA ALA A 67 1.72 3.97 19.51
C ALA A 67 1.97 3.67 20.99
N GLY A 68 3.14 3.12 21.29
CA GLY A 68 3.45 2.65 22.64
C GLY A 68 2.59 1.50 23.14
N VAL A 69 2.08 0.65 22.24
CA VAL A 69 1.26 -0.49 22.68
C VAL A 69 2.11 -1.73 22.92
N SER A 70 1.63 -2.59 23.83
CA SER A 70 2.28 -3.86 24.08
C SER A 70 1.74 -4.98 23.19
N VAL A 71 2.48 -6.07 23.14
CA VAL A 71 2.01 -7.26 22.38
C VAL A 71 0.72 -7.85 22.91
N GLU A 72 0.50 -7.79 24.23
CA GLU A 72 -0.75 -8.26 24.83
C GLU A 72 -1.93 -7.44 24.35
N GLU A 73 -1.69 -6.16 24.13
CA GLU A 73 -2.78 -5.26 23.78
C GLU A 73 -3.28 -5.50 22.36
N ILE A 74 -2.43 -6.06 21.50
CA ILE A 74 -2.80 -6.26 20.10
C ILE A 74 -3.71 -7.48 19.95
N ASP A 75 -4.92 -7.26 19.43
CA ASP A 75 -5.93 -8.31 19.33
C ASP A 75 -6.23 -8.75 17.91
N LEU A 76 -5.67 -8.04 16.93
CA LEU A 76 -5.98 -8.25 15.53
C LEU A 76 -4.82 -7.79 14.69
N ILE A 77 -4.44 -8.64 13.73
CA ILE A 77 -3.38 -8.37 12.76
C ILE A 77 -3.92 -8.67 11.37
N ILE A 78 -3.92 -7.66 10.49
CA ILE A 78 -4.28 -7.85 9.09
C ILE A 78 -3.09 -7.45 8.25
N VAL A 79 -2.66 -8.35 7.36
CA VAL A 79 -1.65 -8.01 6.37
C VAL A 79 -2.34 -7.94 5.01
N ALA A 80 -2.38 -6.73 4.44
CA ALA A 80 -2.90 -6.50 3.10
C ALA A 80 -1.75 -6.70 2.14
N THR A 81 -1.90 -7.70 1.26
CA THR A 81 -0.81 -8.05 0.33
C THR A 81 -1.38 -8.85 -0.82
N CYS A 82 -0.71 -8.74 -1.98
CA CYS A 82 -0.94 -9.63 -3.10
C CYS A 82 0.36 -10.39 -3.49
N SER A 83 1.36 -10.31 -2.61
CA SER A 83 2.68 -10.92 -2.83
C SER A 83 3.18 -11.66 -1.59
N PRO A 84 2.30 -12.48 -0.96
CA PRO A 84 2.71 -13.12 0.27
C PRO A 84 3.82 -14.17 0.10
N ASP A 85 4.73 -14.26 1.06
CA ASP A 85 5.76 -15.33 1.10
C ASP A 85 5.16 -16.69 0.77
N SER A 86 4.06 -16.99 1.46
CA SER A 86 3.39 -18.28 1.40
C SER A 86 1.89 -18.07 1.42
N LEU A 87 1.19 -19.09 0.93
CA LEU A 87 -0.26 -19.20 1.06
C LEU A 87 -0.66 -20.09 2.24
N ILE A 88 0.16 -21.09 2.53
CA ILE A 88 -0.08 -21.95 3.69
C ILE A 88 1.17 -21.91 4.56
N PRO A 89 1.12 -21.33 5.76
CA PRO A 89 0.05 -20.48 6.26
C PRO A 89 0.15 -19.07 5.69
N ASN A 90 -0.72 -18.20 6.19
CA ASN A 90 -0.69 -16.80 5.81
C ASN A 90 0.56 -16.11 6.37
N ILE A 91 0.82 -14.88 5.94
CA ILE A 91 1.95 -14.15 6.49
C ILE A 91 1.64 -13.24 7.65
N ALA A 92 0.38 -12.91 7.90
CA ALA A 92 0.05 -12.22 9.15
C ALA A 92 0.53 -13.04 10.36
N SER A 93 0.38 -14.36 10.30
CA SER A 93 0.88 -15.25 11.35
C SER A 93 2.41 -15.22 11.44
N ARG A 94 3.12 -14.90 10.36
CA ARG A 94 4.59 -14.76 10.42
C ARG A 94 4.99 -13.48 11.16
N VAL A 95 4.33 -12.37 10.84
CA VAL A 95 4.52 -11.14 11.62
C VAL A 95 4.24 -11.39 13.10
N GLN A 96 3.16 -12.12 13.38
CA GLN A 96 2.76 -12.44 14.75
C GLN A 96 3.86 -13.26 15.46
N GLN A 97 4.38 -14.26 14.76
CA GLN A 97 5.45 -15.12 15.29
C GLN A 97 6.70 -14.29 15.56
N ASN A 98 7.06 -13.46 14.58
CA ASN A 98 8.28 -12.65 14.70
C ASN A 98 8.26 -11.72 15.90
N LEU A 99 7.08 -11.13 16.16
CA LEU A 99 6.91 -10.18 17.24
C LEU A 99 6.44 -10.78 18.56
N GLY A 100 6.19 -12.09 18.59
CA GLY A 100 5.76 -12.73 19.83
C GLY A 100 4.43 -12.21 20.33
N ILE A 101 3.51 -11.89 19.43
CA ILE A 101 2.18 -11.42 19.83
C ILE A 101 1.30 -12.65 20.11
N PRO A 102 0.83 -12.81 21.37
CA PRO A 102 0.00 -13.99 21.62
C PRO A 102 -1.39 -13.80 21.06
N SER A 103 -2.02 -14.92 20.73
CA SER A 103 -3.44 -15.09 20.49
C SER A 103 -4.20 -14.24 19.46
N ALA A 104 -3.71 -13.06 19.07
CA ALA A 104 -4.46 -12.19 18.16
C ALA A 104 -4.98 -12.90 16.91
N ALA A 105 -6.18 -12.52 16.47
CA ALA A 105 -6.62 -12.94 15.13
C ALA A 105 -5.60 -12.45 14.13
N ALA A 106 -5.29 -13.26 13.13
CA ALA A 106 -4.25 -12.91 12.15
C ALA A 106 -4.67 -13.40 10.77
N PHE A 107 -4.90 -12.47 9.83
CA PHE A 107 -5.26 -12.88 8.47
C PHE A 107 -4.66 -12.01 7.39
N ASP A 108 -4.48 -12.58 6.19
CA ASP A 108 -4.05 -11.81 5.03
C ASP A 108 -5.30 -11.43 4.24
N LEU A 109 -5.30 -10.21 3.73
CA LEU A 109 -6.42 -9.64 3.01
C LEU A 109 -5.88 -9.26 1.64
N ASN A 110 -6.52 -9.77 0.59
CA ASN A 110 -6.10 -9.44 -0.78
C ASN A 110 -7.17 -8.64 -1.52
N ALA A 111 -6.92 -7.34 -1.69
CA ALA A 111 -7.72 -6.47 -2.56
C ALA A 111 -6.78 -5.56 -3.38
N ALA A 112 -5.62 -6.12 -3.72
CA ALA A 112 -4.60 -5.42 -4.53
C ALA A 112 -4.24 -4.09 -3.85
N ALA A 113 -4.00 -3.02 -4.59
CA ALA A 113 -3.51 -1.79 -3.97
C ALA A 113 -4.56 -1.10 -3.08
N THR A 114 -5.83 -1.48 -3.17
CA THR A 114 -6.87 -0.95 -2.28
C THR A 114 -6.88 -1.71 -0.95
N GLY A 115 -6.01 -2.72 -0.83
CA GLY A 115 -6.01 -3.60 0.33
C GLY A 115 -5.75 -2.94 1.67
N PHE A 116 -4.88 -1.93 1.72
CA PHE A 116 -4.70 -1.26 3.00
C PHE A 116 -6.01 -0.54 3.43
N LEU A 117 -6.63 0.18 2.52
CA LEU A 117 -7.92 0.81 2.81
C LEU A 117 -8.99 -0.23 3.21
N TYR A 118 -9.05 -1.35 2.49
CA TYR A 118 -9.95 -2.42 2.90
C TYR A 118 -9.64 -2.90 4.30
N GLY A 119 -8.34 -3.04 4.60
CA GLY A 119 -7.92 -3.47 5.95
C GLY A 119 -8.26 -2.47 7.05
N LEU A 120 -8.12 -1.19 6.74
CA LEU A 120 -8.48 -0.14 7.69
C LEU A 120 -9.98 -0.15 7.98
N GLU A 121 -10.77 -0.26 6.93
CA GLU A 121 -12.24 -0.40 7.04
C GLU A 121 -12.60 -1.63 7.87
N THR A 122 -11.99 -2.78 7.53
CA THR A 122 -12.30 -4.00 8.21
C THR A 122 -11.93 -3.97 9.70
N ALA A 123 -10.72 -3.54 10.00
CA ALA A 123 -10.30 -3.46 11.40
C ALA A 123 -11.16 -2.48 12.20
N THR A 124 -11.47 -1.34 11.60
CA THR A 124 -12.25 -0.32 12.28
C THR A 124 -13.62 -0.90 12.63
N ARG A 125 -14.29 -1.55 11.69
CA ARG A 125 -15.61 -2.08 12.00
C ARG A 125 -15.57 -3.28 12.97
N LEU A 126 -14.56 -4.14 12.85
CA LEU A 126 -14.39 -5.21 13.82
C LEU A 126 -14.26 -4.62 15.24
N MET A 127 -13.48 -3.55 15.36
CA MET A 127 -13.30 -2.92 16.68
C MET A 127 -14.58 -2.25 17.17
N GLN A 128 -15.33 -1.64 16.27
CA GLN A 128 -16.56 -0.97 16.66
C GLN A 128 -17.66 -1.94 17.10
N ALA A 129 -17.72 -3.10 16.48
CA ALA A 129 -18.80 -4.04 16.70
C ALA A 129 -18.47 -5.18 17.66
N SER A 130 -17.22 -5.35 18.02
CA SER A 130 -16.87 -6.42 18.94
C SER A 130 -15.73 -6.01 19.84
N HIS A 131 -14.99 -6.99 20.36
CA HIS A 131 -14.17 -6.75 21.55
C HIS A 131 -12.76 -6.20 21.32
N TYR A 132 -12.26 -6.21 20.07
CA TYR A 132 -10.87 -5.92 19.72
C TYR A 132 -10.43 -4.54 20.22
N ARG A 133 -9.39 -4.50 21.05
CA ARG A 133 -8.97 -3.26 21.69
C ARG A 133 -7.95 -2.46 20.88
N HIS A 134 -7.01 -3.18 20.27
CA HIS A 134 -6.00 -2.59 19.38
C HIS A 134 -5.80 -3.50 18.19
N ALA A 135 -5.44 -2.91 17.06
CA ALA A 135 -5.19 -3.66 15.84
C ALA A 135 -3.95 -3.18 15.13
N LEU A 136 -3.32 -4.09 14.41
CA LEU A 136 -2.17 -3.82 13.56
C LEU A 136 -2.61 -4.08 12.12
N VAL A 137 -2.56 -3.06 11.27
CA VAL A 137 -2.95 -3.19 9.87
C VAL A 137 -1.76 -2.76 9.04
N ILE A 138 -1.32 -3.67 8.16
CA ILE A 138 -0.08 -3.54 7.41
C ILE A 138 -0.37 -3.71 5.93
N GLY A 139 0.15 -2.83 5.08
CA GLY A 139 0.20 -3.07 3.65
C GLY A 139 1.64 -3.38 3.30
N ALA A 140 1.91 -4.56 2.72
CA ALA A 140 3.30 -4.98 2.47
C ALA A 140 3.38 -5.74 1.17
N GLU A 141 4.38 -5.42 0.34
CA GLU A 141 4.51 -6.03 -0.99
C GLU A 141 5.97 -6.22 -1.41
N ARG A 142 6.21 -7.33 -2.10
CA ARG A 142 7.41 -7.55 -2.90
C ARG A 142 6.94 -7.77 -4.34
N LEU A 143 6.50 -6.70 -4.98
CA LEU A 143 6.02 -6.77 -6.35
C LEU A 143 7.10 -7.16 -7.35
N SER A 144 8.36 -6.90 -7.00
CA SER A 144 9.49 -7.23 -7.89
C SER A 144 9.52 -8.72 -8.24
N PHE A 145 8.93 -9.56 -7.39
CA PHE A 145 8.78 -10.99 -7.70
C PHE A 145 8.09 -11.27 -9.01
N TYR A 146 7.12 -10.43 -9.38
CA TYR A 146 6.21 -10.70 -10.48
C TYR A 146 6.62 -10.21 -11.87
N LEU A 147 7.59 -9.32 -11.92
CA LEU A 147 7.74 -8.48 -13.11
C LEU A 147 8.40 -9.23 -14.25
N ASP A 148 7.98 -8.85 -15.47
CA ASP A 148 8.54 -9.35 -16.73
C ASP A 148 9.63 -8.36 -17.15
N TRP A 149 10.88 -8.76 -16.92
CA TRP A 149 12.01 -7.86 -17.09
C TRP A 149 12.36 -7.62 -18.55
N THR A 150 11.53 -8.11 -19.47
CA THR A 150 11.66 -7.77 -20.89
C THR A 150 10.61 -6.76 -21.34
N LYS A 151 9.68 -6.38 -20.46
CA LYS A 151 8.57 -5.49 -20.82
C LYS A 151 8.71 -4.15 -20.11
N ARG A 152 9.26 -3.17 -20.81
CA ARG A 152 9.54 -1.88 -20.19
C ARG A 152 8.32 -1.12 -19.70
N ASP A 153 7.15 -1.31 -20.30
CA ASP A 153 6.02 -0.49 -19.88
C ASP A 153 5.51 -0.87 -18.47
N THR A 154 5.71 -2.12 -18.04
CA THR A 154 5.32 -2.54 -16.68
C THR A 154 6.51 -2.68 -15.73
N ALA A 155 7.68 -3.07 -16.24
CA ALA A 155 8.83 -3.29 -15.36
C ALA A 155 9.31 -2.04 -14.63
N VAL A 156 8.99 -0.86 -15.14
CA VAL A 156 9.48 0.38 -14.56
C VAL A 156 8.52 0.97 -13.52
N LEU A 157 7.34 0.35 -13.35
CA LEU A 157 6.27 0.96 -12.55
C LEU A 157 6.23 0.57 -11.09
N PHE A 158 6.70 -0.62 -10.78
CA PHE A 158 6.40 -1.27 -9.51
C PHE A 158 7.62 -1.41 -8.61
N GLY A 159 7.38 -1.35 -7.31
CA GLY A 159 8.44 -1.56 -6.34
C GLY A 159 7.96 -2.25 -5.09
N ASP A 160 8.86 -2.32 -4.11
CA ASP A 160 8.64 -3.09 -2.90
C ASP A 160 8.65 -2.17 -1.69
N GLY A 161 7.94 -2.59 -0.64
CA GLY A 161 7.92 -1.83 0.59
C GLY A 161 6.75 -2.20 1.47
N ALA A 162 6.71 -1.62 2.67
CA ALA A 162 5.62 -1.86 3.61
C ALA A 162 5.32 -0.62 4.42
N GLY A 163 4.05 -0.43 4.79
CA GLY A 163 3.64 0.57 5.76
C GLY A 163 2.64 -0.04 6.72
N ALA A 164 2.55 0.50 7.93
CA ALA A 164 1.68 -0.04 8.96
C ALA A 164 1.03 1.03 9.78
N VAL A 165 -0.12 0.70 10.34
CA VAL A 165 -0.69 1.47 11.43
C VAL A 165 -1.06 0.58 12.61
N VAL A 166 -1.13 1.20 13.78
CA VAL A 166 -1.78 0.67 14.95
C VAL A 166 -3.04 1.47 15.20
N LEU A 167 -4.14 0.76 15.44
CA LEU A 167 -5.40 1.36 15.82
C LEU A 167 -5.72 1.05 17.27
N SER A 168 -6.28 2.03 17.99
CA SER A 168 -6.70 1.86 19.38
C SER A 168 -8.11 2.33 19.61
N LYS A 169 -8.90 1.51 20.28
CA LYS A 169 -10.28 1.83 20.57
C LYS A 169 -10.42 3.05 21.49
N THR A 170 -11.33 3.94 21.12
CA THR A 170 -11.59 5.16 21.87
C THR A 170 -13.04 5.59 21.73
N GLU A 171 -13.52 6.35 22.73
CA GLU A 171 -14.83 7.00 22.62
C GLU A 171 -14.80 8.30 21.81
N GLN A 172 -13.62 8.83 21.53
CA GLN A 172 -13.50 10.08 20.77
C GLN A 172 -13.73 9.83 19.29
N LYS A 173 -14.35 10.80 18.62
CA LYS A 173 -14.71 10.69 17.20
C LYS A 173 -13.51 10.97 16.29
N VAL A 174 -12.67 9.95 16.16
CA VAL A 174 -11.39 10.07 15.45
C VAL A 174 -11.14 8.77 14.70
N GLY A 175 -10.07 8.76 13.90
CA GLY A 175 -9.79 7.62 13.02
C GLY A 175 -10.77 7.57 11.86
N LEU A 176 -10.90 6.40 11.24
CA LEU A 176 -11.79 6.25 10.07
C LEU A 176 -13.23 6.49 10.47
N GLN A 177 -13.85 7.45 9.79
CA GLN A 177 -15.26 7.77 9.94
C GLN A 177 -15.97 7.00 8.82
N ASP A 178 -16.54 7.68 7.84
CA ASP A 178 -17.17 6.92 6.78
C ASP A 178 -16.15 6.36 5.79
N ALA A 179 -16.50 5.25 5.15
CA ALA A 179 -15.72 4.69 4.05
C ALA A 179 -16.67 4.02 3.06
N GLN A 180 -16.28 4.03 1.79
N GLN A 180 -16.31 4.05 1.79
CA GLN A 180 -16.96 3.27 0.75
CA GLN A 180 -16.98 3.22 0.81
C GLN A 180 -15.90 2.50 0.00
C GLN A 180 -15.93 2.49 -0.01
N ILE A 181 -15.92 1.17 0.13
CA ILE A 181 -15.02 0.30 -0.60
C ILE A 181 -15.86 -0.54 -1.55
N GLY A 182 -15.27 -0.94 -2.67
CA GLY A 182 -16.00 -1.59 -3.73
C GLY A 182 -15.09 -2.21 -4.77
N CYS A 183 -15.69 -2.66 -5.87
CA CYS A 183 -14.95 -3.34 -6.91
C CYS A 183 -15.75 -3.28 -8.22
N ASP A 184 -15.06 -2.88 -9.28
CA ASP A 184 -15.58 -2.84 -10.64
C ASP A 184 -15.02 -4.09 -11.34
N ALA A 185 -15.76 -5.19 -11.24
CA ALA A 185 -15.26 -6.47 -11.72
C ALA A 185 -15.26 -6.53 -13.25
N GLN A 186 -15.89 -5.55 -13.90
CA GLN A 186 -15.69 -5.39 -15.35
C GLN A 186 -14.30 -4.95 -15.73
N GLY A 187 -13.52 -4.47 -14.77
CA GLY A 187 -12.11 -4.17 -14.96
C GLY A 187 -11.15 -5.26 -14.54
N ARG A 188 -11.63 -6.50 -14.30
CA ARG A 188 -10.76 -7.52 -13.75
C ARG A 188 -9.57 -7.90 -14.65
N ASP A 189 -9.77 -7.83 -15.96
CA ASP A 189 -8.77 -8.39 -16.87
C ASP A 189 -7.71 -7.39 -17.35
N ILE A 190 -7.95 -6.10 -17.09
CA ILE A 190 -7.03 -5.04 -17.54
C ILE A 190 -5.80 -4.85 -16.67
N LEU A 191 -5.76 -5.47 -15.49
CA LEU A 191 -4.58 -5.43 -14.61
C LEU A 191 -4.51 -6.78 -13.91
N ALA A 192 -3.55 -7.62 -14.28
CA ALA A 192 -3.62 -9.04 -13.91
C ALA A 192 -2.33 -9.81 -14.15
N VAL A 193 -2.10 -10.81 -13.30
CA VAL A 193 -1.12 -11.87 -13.54
C VAL A 193 -1.89 -13.19 -13.41
N PRO A 194 -2.62 -13.58 -14.48
CA PRO A 194 -3.53 -14.73 -14.35
C PRO A 194 -2.85 -16.06 -14.03
N LYS A 195 -1.55 -16.21 -14.34
CA LYS A 195 -0.87 -17.50 -14.18
C LYS A 195 0.23 -17.53 -13.12
N PHE A 196 0.06 -16.74 -12.06
CA PHE A 196 0.72 -17.06 -10.80
C PHE A 196 -0.38 -17.29 -9.77
N GLY A 197 -0.43 -18.50 -9.25
CA GLY A 197 -1.48 -18.93 -8.33
C GLY A 197 -1.84 -20.37 -8.69
N THR A 198 -2.95 -20.88 -8.16
CA THR A 198 -3.29 -22.28 -8.44
C THR A 198 -3.84 -22.49 -9.86
N ALA A 199 -4.01 -21.42 -10.63
CA ALA A 199 -4.33 -21.52 -12.07
C ALA A 199 -3.11 -21.97 -12.87
N MET A 200 -1.91 -21.85 -12.31
CA MET A 200 -0.69 -22.13 -13.06
C MET A 200 -0.47 -23.64 -13.09
N ASP A 201 0.35 -24.08 -14.05
CA ASP A 201 0.73 -25.47 -14.15
C ASP A 201 2.01 -25.63 -13.34
N ARG A 202 1.87 -26.32 -12.23
CA ARG A 202 2.94 -26.53 -11.26
C ARG A 202 4.16 -27.24 -11.86
N PHE A 203 3.91 -28.04 -12.89
CA PHE A 203 4.96 -28.87 -13.50
C PHE A 203 5.23 -28.53 -14.96
N ASP A 204 5.01 -27.27 -15.33
CA ASP A 204 5.45 -26.75 -16.61
C ASP A 204 6.73 -25.99 -16.38
N ALA A 205 7.78 -26.37 -17.11
CA ALA A 205 9.11 -25.80 -16.89
C ALA A 205 9.18 -24.32 -17.29
N ASP A 206 8.24 -23.89 -18.13
CA ASP A 206 8.16 -22.48 -18.54
C ASP A 206 7.17 -21.68 -17.69
N ASN A 207 6.74 -22.22 -16.54
CA ASN A 207 5.67 -21.56 -15.78
C ASN A 207 6.08 -20.25 -15.13
N GLY A 208 7.38 -19.96 -15.07
CA GLY A 208 7.86 -18.68 -14.53
C GLY A 208 7.68 -17.50 -15.46
N TYR A 209 7.44 -17.76 -16.75
CA TYR A 209 7.39 -16.72 -17.78
C TYR A 209 5.96 -16.31 -18.03
N TRP A 210 5.31 -15.79 -16.99
CA TRP A 210 3.91 -15.39 -17.07
C TRP A 210 3.74 -13.97 -17.61
N ALA A 211 2.56 -13.72 -18.15
CA ALA A 211 2.21 -12.41 -18.66
C ALA A 211 1.77 -11.52 -17.49
N PHE A 212 2.16 -10.25 -17.55
CA PHE A 212 1.67 -9.21 -16.65
C PHE A 212 0.82 -8.27 -17.48
N ASP A 213 -0.48 -8.49 -17.45
CA ASP A 213 -1.39 -7.70 -18.25
C ASP A 213 -1.64 -6.35 -17.60
N PHE A 214 -1.55 -5.30 -18.43
CA PHE A 214 -1.65 -3.92 -17.96
C PHE A 214 -2.18 -3.07 -19.10
N VAL A 215 -3.46 -2.69 -19.04
CA VAL A 215 -4.07 -1.83 -20.06
C VAL A 215 -4.27 -0.43 -19.48
N GLY A 216 -3.23 0.39 -19.62
CA GLY A 216 -3.14 1.66 -18.90
C GLY A 216 -4.31 2.59 -19.05
N LYS A 217 -4.80 2.78 -20.29
CA LYS A 217 -5.88 3.74 -20.54
C LYS A 217 -7.18 3.33 -19.87
N GLU A 218 -7.42 2.02 -19.85
CA GLU A 218 -8.62 1.48 -19.24
C GLU A 218 -8.52 1.52 -17.71
N ILE A 219 -7.33 1.24 -17.18
CA ILE A 219 -7.10 1.34 -15.74
C ILE A 219 -7.37 2.79 -15.29
N PHE A 220 -6.80 3.76 -16.02
CA PHE A 220 -7.00 5.18 -15.72
C PHE A 220 -8.49 5.53 -15.64
N LYS A 221 -9.23 5.19 -16.68
CA LYS A 221 -10.65 5.51 -16.75
C LYS A 221 -11.44 4.91 -15.57
N ARG A 222 -11.24 3.63 -15.33
CA ARG A 222 -11.99 2.93 -14.28
C ARG A 222 -11.58 3.35 -12.87
N ALA A 223 -10.30 3.69 -12.72
CA ALA A 223 -9.76 4.14 -11.44
C ALA A 223 -10.32 5.50 -11.06
N VAL A 224 -10.31 6.43 -12.00
CA VAL A 224 -10.87 7.77 -11.74
C VAL A 224 -12.37 7.68 -11.45
N ARG A 225 -13.08 6.85 -12.19
CA ARG A 225 -14.53 6.66 -11.98
C ARG A 225 -14.82 6.07 -10.59
N GLY A 226 -14.13 4.99 -10.27
CA GLY A 226 -14.35 4.24 -9.05
C GLY A 226 -13.95 5.04 -7.82
N MET A 227 -12.73 5.58 -7.81
CA MET A 227 -12.29 6.39 -6.66
C MET A 227 -13.13 7.65 -6.52
N GLY A 228 -13.40 8.30 -7.64
CA GLY A 228 -14.17 9.51 -7.60
C GLY A 228 -15.53 9.35 -6.99
N ALA A 229 -16.28 8.34 -7.41
CA ALA A 229 -17.62 8.15 -6.90
C ALA A 229 -17.59 7.71 -5.45
N ALA A 230 -16.58 6.91 -5.05
CA ALA A 230 -16.44 6.54 -3.66
C ALA A 230 -16.16 7.75 -2.78
N ALA A 231 -15.24 8.61 -3.23
CA ALA A 231 -14.93 9.82 -2.48
C ALA A 231 -16.19 10.70 -2.36
N GLN A 232 -16.95 10.82 -3.44
CA GLN A 232 -18.20 11.58 -3.36
C GLN A 232 -19.21 11.02 -2.37
N GLN A 233 -19.36 9.70 -2.35
N GLN A 233 -19.36 9.70 -2.37
CA GLN A 233 -20.30 9.08 -1.42
CA GLN A 233 -20.27 9.04 -1.44
C GLN A 233 -19.90 9.36 0.01
C GLN A 233 -19.90 9.35 0.00
N VAL A 234 -18.61 9.24 0.31
CA VAL A 234 -18.09 9.50 1.65
C VAL A 234 -18.31 10.96 2.04
N LEU A 235 -17.95 11.88 1.14
CA LEU A 235 -18.10 13.31 1.45
C LEU A 235 -19.54 13.68 1.64
N ALA A 236 -20.41 13.20 0.75
CA ALA A 236 -21.82 13.49 0.85
C ALA A 236 -22.41 12.97 2.16
N ARG A 237 -22.03 11.77 2.58
CA ARG A 237 -22.46 11.22 3.86
C ARG A 237 -21.86 11.93 5.08
N SER A 238 -20.65 12.47 4.92
N SER A 238 -20.66 12.47 4.95
CA SER A 238 -19.92 13.12 6.04
CA SER A 238 -19.97 13.07 6.09
C SER A 238 -20.54 14.45 6.45
C SER A 238 -20.45 14.49 6.43
N GLY A 239 -21.23 15.10 5.53
CA GLY A 239 -21.68 16.48 5.72
C GLY A 239 -20.61 17.54 5.58
N LEU A 240 -19.38 17.16 5.22
CA LEU A 240 -18.34 18.15 4.99
C LEU A 240 -18.52 18.71 3.59
N SER A 241 -18.11 19.96 3.43
CA SER A 241 -17.90 20.49 2.10
C SER A 241 -16.53 20.07 1.61
N THR A 242 -16.35 20.16 0.30
CA THR A 242 -15.10 19.75 -0.28
C THR A 242 -13.91 20.52 0.29
N GLU A 243 -14.09 21.80 0.57
CA GLU A 243 -13.00 22.64 1.06
C GLU A 243 -12.56 22.28 2.48
N GLU A 244 -13.38 21.53 3.20
CA GLU A 244 -13.08 21.09 4.56
C GLU A 244 -12.11 19.90 4.63
N ILE A 245 -11.86 19.24 3.50
CA ILE A 245 -10.79 18.23 3.45
C ILE A 245 -9.42 18.90 3.47
N ASP A 246 -8.59 18.52 4.44
CA ASP A 246 -7.30 19.15 4.65
C ASP A 246 -6.17 18.50 3.85
N VAL A 247 -6.19 17.16 3.78
CA VAL A 247 -5.13 16.40 3.17
C VAL A 247 -5.76 15.23 2.40
N VAL A 248 -5.20 14.91 1.23
CA VAL A 248 -5.53 13.69 0.50
C VAL A 248 -4.34 12.74 0.54
N ILE A 249 -4.61 11.49 0.94
CA ILE A 249 -3.60 10.42 0.95
C ILE A 249 -4.04 9.37 -0.06
N PRO A 250 -3.48 9.44 -1.28
CA PRO A 250 -3.92 8.58 -2.37
C PRO A 250 -2.96 7.43 -2.66
N HIS A 251 -3.51 6.40 -3.30
CA HIS A 251 -2.70 5.38 -3.92
C HIS A 251 -1.73 6.05 -4.91
N GLN A 252 -0.51 5.51 -4.96
CA GLN A 252 0.59 6.05 -5.77
C GLN A 252 0.81 5.15 -6.98
N ALA A 253 -0.08 5.22 -7.95
CA ALA A 253 0.07 4.43 -9.17
C ALA A 253 0.57 5.29 -10.32
N ASN A 254 0.08 6.52 -10.37
CA ASN A 254 0.18 7.40 -11.52
C ASN A 254 -0.22 8.80 -11.05
N ILE A 255 0.71 9.75 -11.14
CA ILE A 255 0.41 11.10 -10.68
C ILE A 255 -0.77 11.74 -11.45
N ARG A 256 -0.95 11.40 -12.72
CA ARG A 256 -2.06 11.98 -13.49
C ARG A 256 -3.43 11.53 -13.00
N ILE A 257 -3.51 10.30 -12.49
CA ILE A 257 -4.76 9.82 -11.90
C ILE A 257 -5.12 10.62 -10.65
N ILE A 258 -4.13 10.86 -9.80
CA ILE A 258 -4.27 11.66 -8.58
C ILE A 258 -4.76 13.07 -8.96
N GLN A 259 -4.10 13.66 -9.94
CA GLN A 259 -4.46 15.00 -10.38
C GLN A 259 -5.87 15.08 -10.98
N THR A 260 -6.24 14.07 -11.75
CA THR A 260 -7.57 14.06 -12.36
C THR A 260 -8.64 13.88 -11.27
N LEU A 261 -8.40 12.95 -10.35
CA LEU A 261 -9.28 12.77 -9.21
C LEU A 261 -9.55 14.10 -8.49
N CYS A 262 -8.49 14.82 -8.14
CA CYS A 262 -8.66 16.06 -7.39
C CYS A 262 -9.32 17.14 -8.23
N ASP A 263 -8.97 17.21 -9.51
CA ASP A 263 -9.53 18.22 -10.40
C ASP A 263 -11.03 18.04 -10.55
N LEU A 264 -11.44 16.80 -10.80
CA LEU A 264 -12.86 16.52 -10.95
C LEU A 264 -13.67 16.71 -9.68
N ALA A 265 -13.04 16.50 -8.51
CA ALA A 265 -13.70 16.71 -7.23
C ALA A 265 -13.67 18.15 -6.75
N GLY A 266 -12.84 18.98 -7.39
CA GLY A 266 -12.64 20.37 -6.95
C GLY A 266 -11.78 20.48 -5.71
N ILE A 267 -10.91 19.49 -5.48
CA ILE A 267 -9.96 19.52 -4.38
C ILE A 267 -8.65 20.12 -4.86
N ALA A 268 -8.10 21.08 -4.11
CA ALA A 268 -6.84 21.69 -4.45
C ALA A 268 -5.70 20.67 -4.61
N GLN A 269 -4.96 20.78 -5.70
CA GLN A 269 -3.92 19.81 -6.05
C GLN A 269 -2.85 19.68 -4.99
N ASP A 270 -2.54 20.78 -4.30
CA ASP A 270 -1.48 20.74 -3.30
C ASP A 270 -1.86 20.04 -2.00
N LYS A 271 -3.12 19.58 -1.89
CA LYS A 271 -3.51 18.82 -0.72
C LYS A 271 -3.14 17.33 -0.81
N ALA A 272 -2.83 16.85 -2.01
CA ALA A 272 -2.50 15.43 -2.20
C ALA A 272 -1.04 15.15 -1.93
N PHE A 273 -0.77 14.21 -1.01
CA PHE A 273 0.59 13.78 -0.74
C PHE A 273 1.08 12.85 -1.84
N VAL A 274 2.27 13.14 -2.38
CA VAL A 274 2.86 12.34 -3.45
C VAL A 274 4.29 11.89 -3.11
N ASN A 275 4.53 10.56 -3.13
CA ASN A 275 5.89 10.01 -3.01
C ASN A 275 6.24 8.95 -4.06
N ILE A 276 5.43 8.88 -5.11
CA ILE A 276 5.65 7.93 -6.19
C ILE A 276 7.03 8.08 -6.85
N HIS A 277 7.57 9.28 -6.85
CA HIS A 277 8.87 9.49 -7.45
C HIS A 277 10.01 8.73 -6.76
N ARG A 278 9.83 8.39 -5.49
CA ARG A 278 10.84 7.71 -4.68
C ARG A 278 10.71 6.20 -4.71
N TYR A 279 9.47 5.71 -4.75
CA TYR A 279 9.20 4.29 -4.47
C TYR A 279 8.43 3.53 -5.55
N GLY A 280 7.90 4.25 -6.53
CA GLY A 280 7.01 3.67 -7.51
C GLY A 280 5.72 3.18 -6.88
N ASN A 281 5.03 2.30 -7.61
CA ASN A 281 3.77 1.71 -7.16
C ASN A 281 4.10 0.47 -6.32
N THR A 282 3.88 0.56 -5.01
CA THR A 282 4.09 -0.55 -4.07
C THR A 282 2.77 -1.21 -3.62
N SER A 283 1.75 -1.14 -4.47
CA SER A 283 0.45 -1.76 -4.26
C SER A 283 -0.09 -1.46 -2.86
N ALA A 284 -0.41 -2.47 -2.05
CA ALA A 284 -1.02 -2.20 -0.73
C ALA A 284 -0.21 -1.31 0.19
N ALA A 285 1.10 -1.22 -0.03
CA ALA A 285 1.94 -0.38 0.81
C ALA A 285 1.80 1.13 0.52
N THR A 286 1.19 1.54 -0.60
CA THR A 286 1.29 2.95 -0.99
C THR A 286 0.66 3.88 0.03
N VAL A 287 -0.54 3.56 0.46
CA VAL A 287 -1.28 4.45 1.34
C VAL A 287 -0.62 4.54 2.72
N PRO A 288 -0.27 3.40 3.35
CA PRO A 288 0.30 3.56 4.68
C PRO A 288 1.70 4.18 4.70
N ILE A 289 2.51 3.94 3.66
CA ILE A 289 3.80 4.64 3.57
C ILE A 289 3.55 6.15 3.41
N ALA A 290 2.61 6.52 2.54
CA ALA A 290 2.28 7.93 2.29
C ALA A 290 1.76 8.61 3.56
N LEU A 291 0.91 7.92 4.31
CA LEU A 291 0.40 8.45 5.58
C LEU A 291 1.53 8.69 6.56
N CYS A 292 2.41 7.70 6.72
CA CYS A 292 3.53 7.78 7.65
C CYS A 292 4.42 8.97 7.27
N GLU A 293 4.73 9.09 5.98
CA GLU A 293 5.60 10.16 5.51
C GLU A 293 4.92 11.53 5.59
N ALA A 294 3.63 11.61 5.30
CA ALA A 294 2.91 12.87 5.51
C ALA A 294 3.03 13.35 6.97
N LEU A 295 2.87 12.44 7.92
CA LEU A 295 3.02 12.79 9.32
C LEU A 295 4.45 13.23 9.62
N GLU A 296 5.43 12.45 9.15
CA GLU A 296 6.87 12.75 9.34
C GLU A 296 7.19 14.17 8.85
N GLN A 297 6.59 14.57 7.73
CA GLN A 297 6.92 15.81 7.03
C GLN A 297 6.06 17.01 7.43
N GLY A 298 5.24 16.86 8.47
CA GLY A 298 4.42 17.97 8.98
C GLY A 298 3.22 18.34 8.12
N LYS A 299 2.74 17.40 7.31
CA LYS A 299 1.66 17.70 6.38
C LYS A 299 0.29 17.53 7.00
N ILE A 300 0.21 16.86 8.14
CA ILE A 300 -1.06 16.59 8.81
C ILE A 300 -1.04 17.25 10.18
N LYS A 301 -2.09 17.99 10.51
CA LYS A 301 -2.24 18.68 11.78
C LYS A 301 -3.28 18.00 12.65
N PRO A 302 -3.19 18.18 13.99
CA PRO A 302 -4.24 17.69 14.87
C PRO A 302 -5.63 18.14 14.42
N HIS A 303 -6.59 17.21 14.44
CA HIS A 303 -7.98 17.48 14.08
C HIS A 303 -8.22 17.71 12.59
N ASP A 304 -7.23 17.43 11.73
CA ASP A 304 -7.42 17.47 10.27
C ASP A 304 -8.41 16.41 9.81
N ASP A 305 -9.08 16.74 8.71
CA ASP A 305 -9.85 15.76 7.91
C ASP A 305 -9.04 15.30 6.74
N LEU A 306 -8.82 13.98 6.69
CA LEU A 306 -8.10 13.34 5.60
C LEU A 306 -9.06 12.58 4.70
N LEU A 307 -8.81 12.64 3.39
CA LEU A 307 -9.45 11.77 2.42
C LEU A 307 -8.42 10.78 1.92
N VAL A 308 -8.72 9.49 2.11
CA VAL A 308 -7.93 8.39 1.57
C VAL A 308 -8.66 7.90 0.32
N ALA A 309 -7.91 7.62 -0.72
CA ALA A 309 -8.51 7.10 -1.96
C ALA A 309 -7.54 6.13 -2.62
N ALA A 310 -8.05 4.99 -3.06
CA ALA A 310 -7.21 3.96 -3.67
C ALA A 310 -8.00 3.13 -4.65
N PHE A 311 -7.24 2.45 -5.52
CA PHE A 311 -7.79 1.47 -6.47
C PHE A 311 -6.70 0.42 -6.69
N GLY A 312 -7.07 -0.71 -7.30
CA GLY A 312 -6.09 -1.75 -7.61
C GLY A 312 -6.69 -2.78 -8.50
N ALA A 313 -5.90 -3.79 -8.81
CA ALA A 313 -6.38 -4.91 -9.62
C ALA A 313 -7.70 -5.46 -9.07
N GLY A 314 -8.65 -5.75 -9.95
CA GLY A 314 -9.96 -6.26 -9.52
C GLY A 314 -11.15 -5.90 -10.40
N LEU A 315 -11.39 -4.64 -10.73
CA LEU A 315 -10.63 -3.48 -10.25
C LEU A 315 -11.23 -2.99 -8.93
N THR A 316 -10.52 -3.25 -7.83
CA THR A 316 -10.97 -2.79 -6.52
C THR A 316 -10.84 -1.27 -6.43
N TRP A 317 -11.64 -0.66 -5.56
CA TRP A 317 -11.61 0.79 -5.33
C TRP A 317 -12.11 1.15 -3.96
N GLY A 318 -11.81 2.36 -3.51
CA GLY A 318 -12.33 2.82 -2.25
C GLY A 318 -11.93 4.23 -1.85
N ALA A 319 -12.68 4.78 -0.91
CA ALA A 319 -12.32 6.04 -0.28
C ALA A 319 -12.74 6.01 1.17
N GLY A 320 -12.07 6.80 1.99
CA GLY A 320 -12.39 6.89 3.38
C GLY A 320 -12.07 8.27 3.93
N HIS A 321 -12.86 8.69 4.91
CA HIS A 321 -12.64 9.94 5.62
C HIS A 321 -12.08 9.62 6.98
N ILE A 322 -10.91 10.18 7.30
CA ILE A 322 -10.30 10.03 8.62
C ILE A 322 -10.31 11.38 9.31
N ARG A 323 -10.77 11.41 10.55
CA ARG A 323 -10.64 12.59 11.39
C ARG A 323 -9.47 12.36 12.33
N TRP A 324 -8.43 13.18 12.21
CA TRP A 324 -7.27 13.00 13.05
C TRP A 324 -7.59 13.48 14.45
N GLY A 325 -6.90 12.86 15.43
CA GLY A 325 -6.96 13.24 16.83
C GLY A 325 -5.93 14.29 17.21
N GLU A 326 -5.44 14.15 18.45
CA GLU A 326 -4.54 15.15 19.07
C GLU A 326 -3.08 15.03 18.67
N ARG A 327 -2.60 13.80 18.48
CA ARG A 327 -1.16 13.53 18.35
C ARG A 327 -0.72 13.19 16.96
N ILE A 328 0.28 13.93 16.46
CA ILE A 328 0.90 13.68 15.16
C ILE A 328 2.38 13.28 15.27
N THR A 329 2.83 13.03 16.51
CA THR A 329 4.23 12.73 16.85
C THR A 329 4.30 11.31 17.42
N PRO A 330 5.31 10.53 17.01
CA PRO A 330 5.46 9.19 17.64
C PRO A 330 5.73 9.26 19.13
N LEU A 331 5.25 8.28 19.89
CA LEU A 331 5.58 8.20 21.31
C LEU A 331 7.01 7.76 21.47
N GLY A 332 7.41 6.77 20.68
CA GLY A 332 8.77 6.28 20.67
C GLY A 332 9.20 5.91 19.27
N LYS A 333 10.52 5.86 19.09
CA LYS A 333 11.13 5.38 17.87
C LYS A 333 11.55 3.92 18.04
N SER A 334 11.57 3.19 16.93
CA SER A 334 12.07 1.83 16.92
C SER A 334 13.44 1.79 16.28
N ASP A 335 14.33 0.94 16.81
N ASP A 335 14.31 0.94 16.84
CA ASP A 335 15.63 0.73 16.17
CA ASP A 335 15.63 0.66 16.27
C ASP A 335 15.58 -0.42 15.14
C ASP A 335 15.61 -0.59 15.37
N ALA A 336 14.41 -1.03 14.98
CA ALA A 336 14.26 -2.19 14.11
C ALA A 336 14.79 -1.92 12.71
N GLN A 337 15.56 -2.87 12.18
CA GLN A 337 16.14 -2.75 10.85
C GLN A 337 16.04 -4.09 10.16
N LEU A 338 16.02 -4.06 8.83
CA LEU A 338 16.13 -5.29 8.07
C LEU A 338 17.54 -5.86 8.22
N PRO A 339 17.69 -7.17 7.94
CA PRO A 339 19.03 -7.74 7.88
C PRO A 339 19.89 -7.02 6.84
N SER A 340 21.21 -7.12 7.00
CA SER A 340 22.15 -6.53 6.07
C SER A 340 21.82 -6.87 4.63
N CYS A 341 21.87 -5.85 3.78
CA CYS A 341 21.68 -6.05 2.36
C CYS A 341 23.05 -6.03 1.69
N ASP A 342 23.46 -7.20 1.21
CA ASP A 342 24.82 -7.38 0.69
C ASP A 342 24.93 -7.24 -0.84
N HIS A 343 23.83 -6.89 -1.50
CA HIS A 343 23.72 -6.87 -2.95
C HIS A 343 23.07 -5.58 -3.43
N THR A 344 23.46 -5.14 -4.62
CA THR A 344 22.80 -4.00 -5.26
C THR A 344 21.46 -4.47 -5.82
N ALA A 345 20.59 -3.54 -6.18
CA ALA A 345 19.34 -3.92 -6.78
C ALA A 345 19.55 -4.70 -8.06
N LEU A 346 20.50 -4.27 -8.89
CA LEU A 346 20.78 -5.00 -10.13
C LEU A 346 21.19 -6.43 -9.87
N ASP A 347 22.03 -6.62 -8.86
CA ASP A 347 22.49 -7.96 -8.53
C ASP A 347 21.34 -8.80 -7.99
N LEU A 348 20.47 -8.19 -7.17
CA LEU A 348 19.31 -8.93 -6.65
C LEU A 348 18.45 -9.47 -7.79
N LEU A 349 18.26 -8.64 -8.82
CA LEU A 349 17.38 -8.98 -9.94
C LEU A 349 18.04 -9.83 -11.04
N SER A 350 19.33 -10.10 -10.92
CA SER A 350 20.14 -10.64 -12.02
C SER A 350 19.58 -11.96 -12.57
N LYS A 351 19.35 -12.94 -11.69
CA LYS A 351 18.80 -14.22 -12.12
C LYS A 351 17.49 -14.04 -12.92
N ALA A 352 16.55 -13.25 -12.40
CA ALA A 352 15.27 -13.05 -13.07
C ALA A 352 15.39 -12.34 -14.43
N ILE A 353 16.19 -11.28 -14.47
CA ILE A 353 16.41 -10.57 -15.73
C ILE A 353 17.02 -11.52 -16.77
N GLU A 354 18.05 -12.25 -16.35
CA GLU A 354 18.76 -13.18 -17.26
C GLU A 354 17.82 -14.25 -17.79
N HIS A 355 16.99 -14.82 -16.92
CA HIS A 355 16.04 -15.84 -17.40
C HIS A 355 14.98 -15.23 -18.34
N CYS A 356 14.44 -14.06 -18.01
CA CYS A 356 13.42 -13.43 -18.83
C CYS A 356 13.98 -13.12 -20.24
N LYS A 357 15.22 -12.67 -20.30
CA LYS A 357 15.88 -12.37 -21.57
C LYS A 357 16.17 -13.64 -22.39
N ARG A 358 16.72 -14.66 -21.74
CA ARG A 358 17.01 -15.92 -22.41
C ARG A 358 15.74 -16.52 -23.00
N HIS A 359 14.66 -16.55 -22.22
CA HIS A 359 13.38 -17.09 -22.68
C HIS A 359 12.88 -16.35 -23.91
N GLN A 360 13.09 -15.04 -23.94
CA GLN A 360 12.76 -14.22 -25.10
C GLN A 360 13.72 -14.53 -26.24
NA NA B . -11.24 20.02 8.01
C1 GOL C . 14.57 -12.79 -1.50
O1 GOL C . 13.33 -13.51 -1.62
C2 GOL C . 14.87 -12.01 -2.77
O2 GOL C . 14.96 -10.63 -2.47
C3 GOL C . 16.20 -12.45 -3.39
O3 GOL C . 16.40 -11.82 -4.68
C1 MLI D . 13.28 10.35 5.84
C2 MLI D . 12.77 9.88 4.49
C3 MLI D . 12.93 9.33 6.90
O6 MLI D . 11.69 10.36 4.04
O7 MLI D . 13.44 9.02 3.87
O8 MLI D . 12.85 9.69 8.09
O9 MLI D . 12.72 8.15 6.55
#